data_5UBO
#
_entry.id   5UBO
#
_cell.length_a   56.200
_cell.length_b   69.250
_cell.length_c   179.180
_cell.angle_alpha   90.00
_cell.angle_beta   90.00
_cell.angle_gamma   90.00
#
_symmetry.space_group_name_H-M   'P 21 21 21'
#
loop_
_entity.id
_entity.type
_entity.pdbx_description
1 polymer 'Actin, alpha skeletal muscle'
2 polymer Gelsolin
3 non-polymer 'CALCIUM ION'
4 non-polymer "ADENOSINE-5'-TRIPHOSPHATE"
5 non-polymer (4S)-2-METHYL-2,4-PENTANEDIOL
6 water water
#
loop_
_entity_poly.entity_id
_entity_poly.type
_entity_poly.pdbx_seq_one_letter_code
_entity_poly.pdbx_strand_id
1 'polypeptide(L)'
;MCDEDETTALVCDNGSGLVKAGFAGDDAPRAVFPSIVGRPRHQGV(SME)VG(SME)GQKDSYVGDEAQSKRGILTLKYP
IEHGIITNWDDMEKIWHHTFYNELRVAPEEHPTLLTEAPLNPKANREKMTQIMFETFNVPAMYVAIQAVLSLYASGRTTG
IVLDSGDGVTHNVPIYEGYALPHAIMRLDLAGRDLTDYLMKILTERGYSFVTTAEREIVRDIKEKLCYVALDFENEMATA
ASSSSLEKSYELPDGQVITIGNERFRCPETLFQPSFIGMESAGIHETTYNSIMKCDIDIRKDLYANNVMSGGTTMYPGIA
DRMQKEITALAPSTMKIKIIAPPERKYSVWIGGSILASLSTFQQMWITKQEYDEAGPSIVHRKCF
;
A
2 'polypeptide(L)'
;MVVEHPEFLKAGKEPGLQIWRVEKFDLVPVPTNLYGDFFTGDAYVILKTVQLRNGNLQYDLHYWLGNECSQDESGAAAIF
TVQLDDYLNGRAVQHREVQGFESATFLGYFKSGLKYKKGGVASGFKH
;
S
#
loop_
_chem_comp.id
_chem_comp.type
_chem_comp.name
_chem_comp.formula
ATP non-polymer ADENOSINE-5'-TRIPHOSPHATE 'C10 H16 N5 O13 P3'
CA non-polymer 'CALCIUM ION' 'Ca 2'
MPD non-polymer (4S)-2-METHYL-2,4-PENTANEDIOL 'C6 H14 O2'
#
# COMPACT_ATOMS: atom_id res chain seq x y z
N ASP A 5 15.84 -15.72 -9.44
CA ASP A 5 15.79 -14.36 -9.96
C ASP A 5 15.98 -14.29 -11.52
N GLU A 6 15.87 -15.46 -12.21
CA GLU A 6 15.93 -15.60 -13.68
C GLU A 6 14.49 -15.91 -14.15
N THR A 7 13.95 -15.07 -15.08
CA THR A 7 12.55 -15.10 -15.57
C THR A 7 11.58 -15.08 -14.39
N THR A 8 11.74 -14.05 -13.57
CA THR A 8 11.01 -13.79 -12.34
C THR A 8 10.38 -12.43 -12.48
N ALA A 9 9.12 -12.29 -11.99
CA ALA A 9 8.46 -11.02 -12.10
C ALA A 9 9.11 -9.99 -11.20
N LEU A 10 9.15 -8.73 -11.65
CA LEU A 10 9.70 -7.63 -10.92
C LEU A 10 8.58 -6.77 -10.44
N VAL A 11 8.77 -6.08 -9.33
CA VAL A 11 7.78 -5.16 -8.82
C VAL A 11 8.49 -3.81 -8.66
N CYS A 12 7.99 -2.77 -9.30
CA CYS A 12 8.58 -1.48 -9.16
C CYS A 12 7.51 -0.52 -8.65
N ASP A 13 7.72 0.03 -7.47
CA ASP A 13 6.81 0.97 -6.88
C ASP A 13 7.46 2.37 -6.95
N ASN A 14 7.03 3.15 -7.89
CA ASN A 14 7.55 4.48 -8.15
C ASN A 14 6.86 5.57 -7.34
N GLY A 15 7.57 6.15 -6.39
CA GLY A 15 7.00 7.22 -5.57
C GLY A 15 7.57 8.59 -5.89
N SER A 16 6.99 9.64 -5.33
CA SER A 16 7.46 11.01 -5.56
C SER A 16 8.82 11.25 -5.01
N GLY A 17 9.18 10.51 -3.97
CA GLY A 17 10.46 10.72 -3.31
C GLY A 17 11.34 9.50 -3.42
N LEU A 18 10.76 8.28 -3.35
CA LEU A 18 11.54 7.05 -3.41
C LEU A 18 11.00 6.01 -4.37
N VAL A 19 11.92 5.31 -5.03
CA VAL A 19 11.55 4.19 -5.88
C VAL A 19 11.75 2.95 -5.03
N LYS A 20 10.76 2.06 -4.96
CA LYS A 20 10.89 0.79 -4.23
C LYS A 20 10.85 -0.31 -5.28
N ALA A 21 11.94 -1.04 -5.44
CA ALA A 21 12.05 -2.06 -6.47
C ALA A 21 12.56 -3.40 -5.97
N GLY A 22 12.15 -4.47 -6.64
CA GLY A 22 12.56 -5.83 -6.31
C GLY A 22 11.91 -6.92 -7.11
N PHE A 23 11.91 -8.14 -6.58
CA PHE A 23 11.40 -9.34 -7.22
C PHE A 23 10.16 -9.88 -6.55
N ALA A 24 9.17 -10.26 -7.35
CA ALA A 24 7.93 -10.85 -6.86
C ALA A 24 8.27 -12.13 -6.07
N GLY A 25 7.72 -12.26 -4.86
CA GLY A 25 7.97 -13.40 -3.99
C GLY A 25 8.90 -13.08 -2.86
N ASP A 26 9.67 -12.00 -2.97
CA ASP A 26 10.49 -11.52 -1.87
C ASP A 26 9.57 -10.78 -0.91
N ASP A 27 9.89 -10.76 0.36
CA ASP A 27 9.08 -10.11 1.37
C ASP A 27 9.41 -8.64 1.54
N ALA A 28 10.37 -8.12 0.77
CA ALA A 28 10.79 -6.73 0.83
C ALA A 28 11.44 -6.28 -0.48
N PRO A 29 11.42 -4.97 -0.74
CA PRO A 29 12.13 -4.45 -1.90
C PRO A 29 13.66 -4.65 -1.77
N ARG A 30 14.28 -5.08 -2.86
CA ARG A 30 15.74 -5.25 -2.89
C ARG A 30 16.46 -3.87 -3.02
N ALA A 31 15.84 -2.91 -3.70
CA ALA A 31 16.41 -1.60 -3.91
C ALA A 31 15.43 -0.50 -3.52
N VAL A 32 15.90 0.46 -2.72
CA VAL A 32 15.14 1.65 -2.32
C VAL A 32 16.07 2.83 -2.51
N PHE A 33 15.67 3.79 -3.34
CA PHE A 33 16.51 4.93 -3.65
C PHE A 33 15.71 6.15 -4.06
N PRO A 34 16.31 7.36 -3.96
CA PRO A 34 15.60 8.60 -4.32
C PRO A 34 15.20 8.68 -5.80
N SER A 35 13.98 9.10 -6.03
CA SER A 35 13.49 9.22 -7.40
C SER A 35 13.93 10.58 -7.95
N ILE A 36 15.22 10.66 -8.26
CA ILE A 36 15.85 11.89 -8.69
C ILE A 36 16.77 11.66 -9.87
N VAL A 37 16.80 12.63 -10.76
CA VAL A 37 17.68 12.61 -11.91
C VAL A 37 18.54 13.85 -11.94
N GLY A 38 19.85 13.62 -11.93
CA GLY A 38 20.81 14.71 -11.95
C GLY A 38 21.46 14.85 -13.30
N ARG A 39 21.49 16.09 -13.79
CA ARG A 39 22.15 16.39 -15.06
C ARG A 39 23.20 17.49 -14.88
N PRO A 40 24.26 17.44 -15.70
CA PRO A 40 25.30 18.48 -15.62
C PRO A 40 24.71 19.90 -15.70
N ARG A 41 25.05 20.73 -14.72
CA ARG A 41 24.60 22.12 -14.64
C ARG A 41 25.13 22.89 -15.89
N HIS A 42 26.49 23.00 -15.99
CA HIS A 42 27.29 23.71 -17.01
C HIS A 42 27.31 25.21 -16.75
CA LYS A 52 27.75 10.38 -18.10
C LYS A 52 26.92 11.64 -18.15
N ASP A 53 25.89 11.66 -19.02
CA ASP A 53 25.01 12.82 -19.18
C ASP A 53 23.95 12.90 -18.07
N SER A 54 23.98 11.94 -17.13
CA SER A 54 23.01 11.91 -16.04
C SER A 54 23.41 10.98 -14.92
N TYR A 55 22.82 11.20 -13.75
CA TYR A 55 22.93 10.33 -12.58
C TYR A 55 21.56 10.16 -12.00
N VAL A 56 21.35 9.06 -11.30
CA VAL A 56 20.07 8.79 -10.66
C VAL A 56 20.26 8.33 -9.24
N GLY A 57 19.35 8.75 -8.37
CA GLY A 57 19.31 8.26 -7.01
C GLY A 57 20.39 8.80 -6.12
N ASP A 58 21.00 7.91 -5.32
CA ASP A 58 22.07 8.29 -4.36
C ASP A 58 23.20 8.99 -5.06
N GLU A 59 23.67 8.43 -6.19
CA GLU A 59 24.73 9.02 -7.00
C GLU A 59 24.43 10.48 -7.30
N ALA A 60 23.17 10.77 -7.71
CA ALA A 60 22.78 12.14 -8.02
C ALA A 60 22.82 13.01 -6.79
N GLN A 61 22.34 12.50 -5.65
CA GLN A 61 22.35 13.25 -4.39
C GLN A 61 23.76 13.61 -3.93
N SER A 62 24.69 12.66 -4.05
CA SER A 62 26.10 12.86 -3.68
C SER A 62 26.74 13.93 -4.52
N LYS A 63 26.52 13.89 -5.84
CA LYS A 63 27.12 14.86 -6.75
C LYS A 63 26.19 16.04 -6.96
N ARG A 64 25.26 16.24 -6.03
CA ARG A 64 24.28 17.33 -6.09
C ARG A 64 24.90 18.68 -6.35
N GLY A 65 26.12 18.88 -5.82
CA GLY A 65 26.87 20.11 -5.91
C GLY A 65 27.21 20.54 -7.31
N ILE A 66 27.30 19.57 -8.24
CA ILE A 66 27.65 19.89 -9.63
C ILE A 66 26.51 19.59 -10.58
N LEU A 67 25.37 19.18 -10.04
CA LEU A 67 24.25 18.77 -10.87
C LEU A 67 23.01 19.60 -10.69
N THR A 68 22.10 19.54 -11.67
CA THR A 68 20.79 20.13 -11.54
C THR A 68 19.87 18.93 -11.25
N LEU A 69 19.21 18.94 -10.08
CA LEU A 69 18.34 17.85 -9.63
C LEU A 69 16.92 18.03 -10.09
N LYS A 70 16.29 16.94 -10.48
CA LYS A 70 14.89 16.97 -10.93
C LYS A 70 14.14 15.76 -10.45
N TYR A 71 12.89 15.98 -10.07
CA TYR A 71 12.00 14.92 -9.60
C TYR A 71 10.96 14.64 -10.65
N PRO A 72 11.07 13.50 -11.36
CA PRO A 72 10.09 13.19 -12.42
C PRO A 72 8.68 12.87 -11.96
N ILE A 73 8.47 12.61 -10.67
CA ILE A 73 7.13 12.31 -10.21
C ILE A 73 6.67 13.41 -9.25
N GLU A 74 5.58 14.11 -9.55
CA GLU A 74 5.10 15.21 -8.71
C GLU A 74 3.79 14.86 -8.11
N HIS A 75 3.75 14.80 -6.78
CA HIS A 75 2.51 14.45 -6.09
C HIS A 75 1.98 13.11 -6.58
N GLY A 76 2.87 12.13 -6.79
CA GLY A 76 2.57 10.77 -7.19
C GLY A 76 2.34 10.57 -8.67
N ILE A 77 2.35 11.68 -9.44
CA ILE A 77 2.07 11.60 -10.86
C ILE A 77 3.35 11.81 -11.66
N ILE A 78 3.57 10.94 -12.66
CA ILE A 78 4.74 11.07 -13.53
C ILE A 78 4.55 12.30 -14.40
N THR A 79 5.53 13.18 -14.36
CA THR A 79 5.40 14.49 -14.98
C THR A 79 6.52 14.80 -15.95
N ASN A 80 7.61 14.04 -15.90
CA ASN A 80 8.74 14.22 -16.80
C ASN A 80 9.13 12.86 -17.39
N TRP A 81 8.58 12.58 -18.56
CA TRP A 81 8.77 11.28 -19.19
C TRP A 81 10.21 10.97 -19.53
N ASP A 82 11.00 11.94 -19.99
CA ASP A 82 12.39 11.66 -20.30
C ASP A 82 13.18 11.26 -19.06
N ASP A 83 12.90 11.91 -17.94
CA ASP A 83 13.60 11.60 -16.72
C ASP A 83 13.11 10.30 -16.11
N MET A 84 11.84 9.96 -16.32
CA MET A 84 11.30 8.70 -15.82
C MET A 84 11.95 7.48 -16.50
N GLU A 85 12.22 7.58 -17.81
CA GLU A 85 12.89 6.46 -18.48
C GLU A 85 14.28 6.22 -17.86
N LYS A 86 14.97 7.30 -17.44
CA LYS A 86 16.29 7.15 -16.82
C LYS A 86 16.13 6.37 -15.54
N ILE A 87 15.13 6.78 -14.71
CA ILE A 87 14.82 6.08 -13.44
C ILE A 87 14.63 4.61 -13.67
N TRP A 88 13.80 4.25 -14.65
CA TRP A 88 13.49 2.87 -14.98
C TRP A 88 14.70 2.13 -15.49
N HIS A 89 15.49 2.78 -16.33
CA HIS A 89 16.72 2.18 -16.83
C HIS A 89 17.66 1.87 -15.65
N HIS A 90 17.86 2.84 -14.76
CA HIS A 90 18.72 2.69 -13.59
C HIS A 90 18.17 1.56 -12.70
N THR A 91 16.86 1.53 -12.51
CA THR A 91 16.18 0.48 -11.76
C THR A 91 16.49 -0.88 -12.33
N PHE A 92 16.31 -1.05 -13.63
CA PHE A 92 16.60 -2.34 -14.24
C PHE A 92 18.08 -2.69 -14.22
N TYR A 93 18.91 -1.82 -14.78
CA TYR A 93 20.31 -2.11 -14.98
C TYR A 93 21.19 -1.83 -13.77
N ASN A 94 21.01 -0.70 -13.11
CA ASN A 94 21.89 -0.36 -12.00
C ASN A 94 21.49 -1.02 -10.69
N GLU A 95 20.21 -1.06 -10.36
CA GLU A 95 19.81 -1.57 -9.06
C GLU A 95 19.43 -3.05 -9.04
N LEU A 96 18.56 -3.48 -9.95
CA LEU A 96 18.12 -4.88 -9.97
C LEU A 96 19.06 -5.78 -10.72
N ARG A 97 19.88 -5.20 -11.65
CA ARG A 97 20.85 -5.96 -12.49
C ARG A 97 20.12 -7.11 -13.21
N VAL A 98 19.14 -6.75 -14.02
CA VAL A 98 18.33 -7.69 -14.78
C VAL A 98 18.28 -7.24 -16.24
N ALA A 99 17.95 -8.18 -17.13
CA ALA A 99 17.70 -7.83 -18.52
C ALA A 99 16.17 -7.71 -18.60
N PRO A 100 15.69 -6.46 -18.69
CA PRO A 100 14.24 -6.18 -18.66
C PRO A 100 13.40 -7.06 -19.55
N GLU A 101 13.90 -7.38 -20.74
CA GLU A 101 13.23 -8.23 -21.71
C GLU A 101 12.98 -9.65 -21.19
N GLU A 102 13.54 -10.01 -20.03
CA GLU A 102 13.39 -11.33 -19.41
C GLU A 102 12.37 -11.42 -18.29
N HIS A 103 11.86 -10.27 -17.83
CA HIS A 103 10.99 -10.27 -16.69
C HIS A 103 9.69 -9.52 -16.87
N PRO A 104 8.55 -10.21 -16.63
CA PRO A 104 7.25 -9.52 -16.60
C PRO A 104 7.35 -8.45 -15.50
N THR A 105 6.89 -7.24 -15.73
CA THR A 105 7.10 -6.16 -14.77
C THR A 105 5.81 -5.54 -14.28
N LEU A 106 5.63 -5.48 -12.97
CA LEU A 106 4.46 -4.84 -12.36
C LEU A 106 4.85 -3.46 -11.87
N LEU A 107 4.13 -2.47 -12.32
CA LEU A 107 4.33 -1.07 -11.92
C LEU A 107 3.15 -0.61 -11.08
N THR A 108 3.36 0.43 -10.28
CA THR A 108 2.27 0.92 -9.47
C THR A 108 1.90 2.30 -9.95
N GLU A 109 0.70 2.76 -9.61
CA GLU A 109 0.31 4.11 -9.96
C GLU A 109 -0.54 4.75 -8.87
N ALA A 110 -0.61 6.06 -8.93
CA ALA A 110 -1.41 6.84 -8.01
C ALA A 110 -2.87 6.63 -8.35
N PRO A 111 -3.74 6.68 -7.34
CA PRO A 111 -5.20 6.67 -7.64
C PRO A 111 -5.54 7.89 -8.51
N LEU A 112 -6.54 7.78 -9.38
CA LEU A 112 -6.89 8.92 -10.25
C LEU A 112 -5.76 9.28 -11.20
N ASN A 113 -4.92 8.30 -11.50
CA ASN A 113 -3.85 8.51 -12.46
C ASN A 113 -4.45 8.74 -13.85
N PRO A 114 -4.13 9.87 -14.51
CA PRO A 114 -4.72 10.18 -15.83
C PRO A 114 -4.55 9.07 -16.85
N LYS A 115 -5.57 8.89 -17.66
CA LYS A 115 -5.64 7.93 -18.75
C LYS A 115 -4.38 7.89 -19.58
N ALA A 116 -3.95 9.06 -20.13
CA ALA A 116 -2.80 9.11 -21.00
C ALA A 116 -1.51 8.75 -20.30
N ASN A 117 -1.45 8.94 -18.98
CA ASN A 117 -0.25 8.58 -18.24
C ASN A 117 -0.10 7.08 -18.16
N ARG A 118 -1.22 6.36 -17.95
CA ARG A 118 -1.23 4.91 -17.85
C ARG A 118 -0.79 4.32 -19.19
N GLU A 119 -1.21 4.93 -20.31
CA GLU A 119 -0.85 4.51 -21.64
C GLU A 119 0.62 4.70 -21.88
N LYS A 120 1.14 5.88 -21.53
CA LYS A 120 2.53 6.25 -21.69
C LYS A 120 3.44 5.22 -20.98
N MET A 121 3.12 4.88 -19.76
CA MET A 121 3.84 3.91 -18.94
C MET A 121 3.87 2.54 -19.62
N THR A 122 2.74 2.11 -20.19
CA THR A 122 2.61 0.85 -20.93
C THR A 122 3.50 0.91 -22.17
N GLN A 123 3.44 2.01 -22.95
CA GLN A 123 4.23 2.18 -24.15
C GLN A 123 5.73 2.10 -23.89
N ILE A 124 6.22 2.86 -22.92
CA ILE A 124 7.65 2.88 -22.60
C ILE A 124 8.17 1.49 -22.19
N MET A 125 7.43 0.79 -21.35
CA MET A 125 7.82 -0.56 -20.94
C MET A 125 7.95 -1.48 -22.13
N PHE A 126 6.96 -1.49 -23.04
CA PHE A 126 6.98 -2.38 -24.16
C PHE A 126 7.92 -1.91 -25.25
N GLU A 127 7.88 -0.63 -25.58
CA GLU A 127 8.62 -0.06 -26.68
C GLU A 127 10.05 0.30 -26.35
N THR A 128 10.31 0.86 -25.18
CA THR A 128 11.69 1.20 -24.84
C THR A 128 12.39 0.06 -24.10
N PHE A 129 11.71 -0.63 -23.19
CA PHE A 129 12.38 -1.65 -22.37
C PHE A 129 12.16 -3.05 -22.82
N ASN A 130 11.22 -3.27 -23.72
CA ASN A 130 10.95 -4.59 -24.29
C ASN A 130 10.53 -5.66 -23.28
N VAL A 131 9.81 -5.29 -22.23
CA VAL A 131 9.37 -6.31 -21.28
C VAL A 131 8.49 -7.34 -21.97
N PRO A 132 8.53 -8.61 -21.55
CA PRO A 132 7.66 -9.63 -22.16
C PRO A 132 6.21 -9.46 -21.70
N ALA A 133 5.99 -8.72 -20.63
CA ALA A 133 4.69 -8.50 -20.01
C ALA A 133 4.76 -7.46 -18.91
N MET A 134 3.64 -6.78 -18.68
CA MET A 134 3.56 -5.75 -17.66
C MET A 134 2.16 -5.61 -17.09
N TYR A 135 2.03 -4.83 -16.01
CA TYR A 135 0.75 -4.61 -15.37
C TYR A 135 0.87 -3.38 -14.48
N VAL A 136 -0.22 -2.61 -14.35
CA VAL A 136 -0.27 -1.41 -13.54
C VAL A 136 -1.32 -1.63 -12.47
N ALA A 137 -0.96 -1.40 -11.22
CA ALA A 137 -1.91 -1.55 -10.12
C ALA A 137 -1.92 -0.29 -9.28
N ILE A 138 -3.06 0.07 -8.67
CA ILE A 138 -3.18 1.26 -7.84
C ILE A 138 -2.44 0.98 -6.53
N GLN A 139 -1.57 1.90 -6.12
CA GLN A 139 -0.77 1.75 -4.91
C GLN A 139 -1.63 1.44 -3.69
N ALA A 140 -2.66 2.26 -3.42
CA ALA A 140 -3.47 2.05 -2.24
C ALA A 140 -4.12 0.68 -2.20
N VAL A 141 -4.60 0.18 -3.33
CA VAL A 141 -5.22 -1.16 -3.33
C VAL A 141 -4.22 -2.23 -2.92
N LEU A 142 -2.99 -2.15 -3.43
CA LEU A 142 -1.95 -3.11 -3.07
C LEU A 142 -1.68 -3.09 -1.56
N SER A 143 -1.69 -1.88 -0.92
CA SER A 143 -1.51 -1.78 0.55
C SER A 143 -2.63 -2.55 1.27
N LEU A 144 -3.87 -2.35 0.82
CA LEU A 144 -4.99 -3.05 1.40
C LEU A 144 -4.80 -4.55 1.26
N TYR A 145 -4.45 -5.03 0.09
CA TYR A 145 -4.21 -6.46 -0.10
C TYR A 145 -3.14 -6.95 0.83
N ALA A 146 -2.06 -6.17 1.01
CA ALA A 146 -0.96 -6.56 1.89
C ALA A 146 -1.39 -6.70 3.35
N SER A 147 -2.47 -6.01 3.78
CA SER A 147 -2.93 -6.11 5.14
C SER A 147 -3.98 -7.23 5.28
N GLY A 148 -4.18 -7.99 4.22
CA GLY A 148 -5.11 -9.13 4.15
C GLY A 148 -6.56 -8.72 4.15
N ARG A 149 -6.90 -7.67 3.40
CA ARG A 149 -8.28 -7.14 3.34
C ARG A 149 -8.68 -6.87 1.88
N THR A 150 -9.95 -6.96 1.60
CA THR A 150 -10.46 -6.63 0.30
C THR A 150 -11.34 -5.39 0.44
N THR A 151 -11.72 -5.00 1.66
CA THR A 151 -12.53 -3.82 1.96
C THR A 151 -11.90 -3.05 3.08
N GLY A 152 -11.79 -1.75 2.90
CA GLY A 152 -11.20 -0.87 3.88
C GLY A 152 -10.91 0.46 3.23
N ILE A 153 -10.45 1.44 4.00
CA ILE A 153 -10.07 2.74 3.47
C ILE A 153 -8.65 2.95 3.80
N VAL A 154 -7.88 3.25 2.79
CA VAL A 154 -6.44 3.41 2.93
C VAL A 154 -6.06 4.85 3.08
N LEU A 155 -5.18 5.16 4.04
CA LEU A 155 -4.55 6.46 4.15
C LEU A 155 -3.12 6.25 3.68
N ASP A 156 -2.81 6.70 2.47
CA ASP A 156 -1.50 6.60 1.86
C ASP A 156 -0.83 7.98 1.86
N SER A 157 0.25 8.12 2.61
CA SER A 157 0.98 9.37 2.69
C SER A 157 2.46 9.12 2.52
N GLY A 158 3.06 9.73 1.51
CA GLY A 158 4.46 9.56 1.19
C GLY A 158 5.26 10.84 1.28
N ASP A 159 6.10 11.10 0.27
CA ASP A 159 6.91 12.30 0.28
C ASP A 159 6.27 13.47 -0.46
N GLY A 160 5.38 13.19 -1.40
CA GLY A 160 4.76 14.23 -2.21
C GLY A 160 3.25 14.32 -2.15
N VAL A 161 2.53 13.23 -1.81
CA VAL A 161 1.07 13.24 -1.82
C VAL A 161 0.46 12.39 -0.69
N THR A 162 -0.71 12.81 -0.23
CA THR A 162 -1.55 12.07 0.70
C THR A 162 -2.91 11.82 0.05
N HIS A 163 -3.37 10.59 0.12
CA HIS A 163 -4.68 10.20 -0.41
C HIS A 163 -5.45 9.41 0.58
N ASN A 164 -6.76 9.56 0.54
CA ASN A 164 -7.68 8.66 1.19
C ASN A 164 -8.32 7.88 0.05
N VAL A 165 -8.16 6.55 0.06
CA VAL A 165 -8.72 5.68 -0.95
C VAL A 165 -9.66 4.61 -0.35
N PRO A 166 -10.99 4.80 -0.42
CA PRO A 166 -11.90 3.75 0.06
C PRO A 166 -12.03 2.68 -1.02
N ILE A 167 -12.02 1.42 -0.60
CA ILE A 167 -12.04 0.26 -1.48
C ILE A 167 -13.08 -0.73 -1.02
N TYR A 168 -13.86 -1.27 -1.94
CA TYR A 168 -14.87 -2.23 -1.59
C TYR A 168 -14.74 -3.47 -2.42
N GLU A 169 -14.62 -4.62 -1.76
CA GLU A 169 -14.53 -5.89 -2.45
C GLU A 169 -13.44 -5.91 -3.56
N GLY A 170 -12.34 -5.24 -3.28
CA GLY A 170 -11.16 -5.24 -4.15
C GLY A 170 -10.96 -4.09 -5.07
N TYR A 171 -11.96 -3.17 -5.17
CA TYR A 171 -11.86 -2.06 -6.11
C TYR A 171 -12.06 -0.72 -5.46
N ALA A 172 -11.21 0.24 -5.84
CA ALA A 172 -11.30 1.60 -5.33
C ALA A 172 -12.58 2.18 -5.79
N LEU A 173 -13.13 3.15 -5.04
CA LEU A 173 -14.33 3.91 -5.39
C LEU A 173 -13.86 5.28 -5.83
N PRO A 174 -13.61 5.49 -7.16
CA PRO A 174 -12.98 6.74 -7.62
C PRO A 174 -13.66 8.01 -7.15
N HIS A 175 -14.97 8.00 -7.15
CA HIS A 175 -15.76 9.16 -6.73
C HIS A 175 -15.45 9.62 -5.30
N ALA A 176 -15.02 8.71 -4.42
CA ALA A 176 -14.82 9.05 -3.02
C ALA A 176 -13.36 9.26 -2.59
N ILE A 177 -12.42 9.19 -3.52
CA ILE A 177 -11.01 9.38 -3.23
C ILE A 177 -10.70 10.84 -2.95
N MET A 178 -9.84 11.07 -1.97
CA MET A 178 -9.38 12.40 -1.62
C MET A 178 -7.88 12.50 -1.75
N ARG A 179 -7.43 13.62 -2.32
CA ARG A 179 -6.03 13.89 -2.55
C ARG A 179 -5.66 15.15 -1.83
N LEU A 180 -4.54 15.11 -1.17
CA LEU A 180 -4.02 16.25 -0.43
C LEU A 180 -2.54 16.43 -0.73
N ASP A 181 -2.16 17.60 -1.27
CA ASP A 181 -0.79 17.90 -1.64
C ASP A 181 0.03 18.37 -0.47
N LEU A 182 -0.09 17.66 0.65
CA LEU A 182 0.71 17.92 1.82
C LEU A 182 1.25 16.60 2.31
N ALA A 183 2.59 16.49 2.40
CA ALA A 183 3.20 15.24 2.80
C ALA A 183 4.59 15.39 3.36
N GLY A 184 5.37 14.33 3.30
CA GLY A 184 6.71 14.24 3.86
C GLY A 184 7.62 15.40 3.58
N ARG A 185 7.77 15.75 2.31
CA ARG A 185 8.67 16.85 1.95
C ARG A 185 8.24 18.14 2.66
N ASP A 186 6.94 18.40 2.71
CA ASP A 186 6.38 19.57 3.37
C ASP A 186 6.62 19.57 4.87
N LEU A 187 6.64 18.39 5.48
CA LEU A 187 6.89 18.22 6.90
C LEU A 187 8.35 18.47 7.19
N THR A 188 9.24 17.96 6.33
CA THR A 188 10.69 18.15 6.45
C THR A 188 11.01 19.64 6.40
N ASP A 189 10.44 20.33 5.41
CA ASP A 189 10.63 21.77 5.24
C ASP A 189 10.14 22.54 6.44
N TYR A 190 8.99 22.14 7.01
CA TYR A 190 8.43 22.80 8.19
C TYR A 190 9.31 22.63 9.41
N LEU A 191 9.73 21.39 9.72
CA LEU A 191 10.61 21.12 10.85
C LEU A 191 11.86 21.97 10.74
N MET A 192 12.35 22.18 9.50
CA MET A 192 13.51 23.03 9.24
C MET A 192 13.27 24.43 9.80
N LYS A 193 12.15 25.05 9.40
CA LYS A 193 11.77 26.40 9.76
C LYS A 193 11.62 26.62 11.26
N ILE A 194 10.87 25.73 11.93
CA ILE A 194 10.64 25.87 13.37
C ILE A 194 11.89 25.58 14.21
N LEU A 195 12.73 24.67 13.72
CA LEU A 195 13.96 24.31 14.41
C LEU A 195 14.94 25.47 14.40
N THR A 196 15.02 26.20 13.26
CA THR A 196 15.91 27.37 13.24
C THR A 196 15.27 28.46 14.08
N GLU A 197 13.92 28.46 14.16
CA GLU A 197 13.14 29.40 14.95
C GLU A 197 13.47 29.26 16.44
N ARG A 198 13.78 28.03 16.88
CA ARG A 198 14.13 27.74 18.26
C ARG A 198 15.50 28.32 18.65
N GLY A 199 16.31 28.63 17.65
CA GLY A 199 17.65 29.17 17.85
C GLY A 199 18.68 28.50 17.00
N TYR A 200 18.40 27.27 16.54
CA TYR A 200 19.30 26.52 15.67
C TYR A 200 19.26 27.12 14.26
N SER A 201 20.02 26.53 13.32
CA SER A 201 20.05 27.03 11.97
C SER A 201 20.12 25.90 10.96
N PHE A 202 19.01 25.65 10.27
CA PHE A 202 18.93 24.61 9.26
C PHE A 202 18.38 25.22 7.99
N VAL A 203 19.27 25.50 7.04
CA VAL A 203 18.92 26.19 5.79
C VAL A 203 19.38 25.41 4.55
N THR A 204 20.58 24.82 4.63
CA THR A 204 21.24 24.16 3.51
C THR A 204 20.66 22.81 3.16
N THR A 205 20.78 22.42 1.89
CA THR A 205 20.32 21.12 1.39
C THR A 205 20.94 19.99 2.24
N ALA A 206 22.25 20.10 2.55
CA ALA A 206 22.91 19.12 3.40
C ALA A 206 22.22 19.12 4.76
N GLU A 207 21.76 20.30 5.19
CA GLU A 207 21.03 20.47 6.45
C GLU A 207 19.59 19.96 6.34
N ARG A 208 18.95 20.12 5.17
CA ARG A 208 17.62 19.57 4.92
C ARG A 208 17.68 18.05 5.15
N GLU A 209 18.79 17.43 4.75
CA GLU A 209 18.99 15.99 4.92
C GLU A 209 19.07 15.59 6.37
N ILE A 210 19.69 16.43 7.19
CA ILE A 210 19.84 16.15 8.62
C ILE A 210 18.47 16.23 9.27
N VAL A 211 17.67 17.22 8.86
CA VAL A 211 16.34 17.47 9.42
C VAL A 211 15.43 16.32 9.13
N ARG A 212 15.50 15.79 7.91
CA ARG A 212 14.73 14.62 7.51
C ARG A 212 15.05 13.46 8.42
N ASP A 213 16.33 13.26 8.76
CA ASP A 213 16.70 12.20 9.68
C ASP A 213 16.15 12.49 11.07
N ILE A 214 16.12 13.77 11.47
CA ILE A 214 15.57 14.10 12.78
C ILE A 214 14.08 13.90 12.75
N LYS A 215 13.44 14.27 11.63
CA LYS A 215 12.02 14.09 11.43
C LYS A 215 11.64 12.61 11.61
N GLU A 216 12.45 11.70 11.06
CA GLU A 216 12.15 10.28 11.08
C GLU A 216 12.50 9.57 12.38
N LYS A 217 13.41 10.17 13.17
CA LYS A 217 13.90 9.51 14.37
C LYS A 217 13.31 9.97 15.66
N LEU A 218 12.97 11.26 15.75
CA LEU A 218 12.55 11.86 17.03
C LEU A 218 11.13 12.37 17.07
N CYS A 219 10.53 12.63 15.92
CA CYS A 219 9.17 13.16 15.83
C CYS A 219 8.13 12.13 16.20
N TYR A 220 6.95 12.60 16.58
CA TYR A 220 5.82 11.77 16.93
C TYR A 220 4.56 12.59 16.89
N VAL A 221 3.43 11.90 16.90
CA VAL A 221 2.14 12.58 16.91
C VAL A 221 1.55 12.60 18.33
N ALA A 222 1.15 13.79 18.78
CA ALA A 222 0.55 13.93 20.09
C ALA A 222 -0.89 13.45 20.15
N LEU A 223 -1.27 12.78 21.24
CA LEU A 223 -2.66 12.32 21.40
C LEU A 223 -3.58 13.51 21.63
N ASP A 224 -3.11 14.52 22.40
CA ASP A 224 -3.84 15.75 22.59
C ASP A 224 -2.84 16.89 22.45
N PHE A 225 -2.92 17.60 21.34
CA PHE A 225 -1.96 18.62 20.97
C PHE A 225 -1.82 19.74 21.96
N GLU A 226 -2.94 20.19 22.53
CA GLU A 226 -2.93 21.29 23.49
C GLU A 226 -2.23 20.92 24.75
N ASN A 227 -2.64 19.79 25.34
CA ASN A 227 -2.01 19.30 26.57
C ASN A 227 -0.53 19.10 26.33
N GLU A 228 -0.18 18.58 25.15
CA GLU A 228 1.20 18.33 24.78
C GLU A 228 2.06 19.57 24.82
N MET A 229 1.53 20.64 24.22
CA MET A 229 2.17 21.94 24.22
C MET A 229 2.41 22.44 25.66
N ALA A 230 1.37 22.36 26.50
CA ALA A 230 1.46 22.79 27.89
C ALA A 230 2.46 21.95 28.67
N THR A 231 2.47 20.62 28.41
CA THR A 231 3.36 19.67 29.07
C THR A 231 4.81 19.88 28.62
N ALA A 232 5.00 20.53 27.48
CA ALA A 232 6.34 20.81 26.98
C ALA A 232 6.84 22.16 27.55
N ALA A 233 5.91 23.01 27.99
CA ALA A 233 6.23 24.29 28.59
C ALA A 233 6.53 24.16 30.08
N SER A 234 6.17 23.00 30.68
CA SER A 234 6.40 22.72 32.09
C SER A 234 7.82 22.17 32.28
N SER A 235 7.91 20.86 32.53
CA SER A 235 9.16 20.14 32.67
C SER A 235 9.83 20.05 31.29
N SER A 236 10.79 19.12 31.16
CA SER A 236 11.50 18.88 29.93
C SER A 236 11.61 17.37 29.70
N SER A 237 10.48 16.69 29.92
CA SER A 237 10.34 15.25 29.80
C SER A 237 10.06 14.83 28.36
N LEU A 238 9.75 15.80 27.49
CA LEU A 238 9.48 15.54 26.07
C LEU A 238 10.72 15.83 25.25
N GLU A 239 11.71 16.47 25.86
CA GLU A 239 12.93 16.86 25.20
C GLU A 239 13.79 15.65 24.87
N LYS A 240 14.42 15.67 23.69
CA LYS A 240 15.29 14.60 23.25
C LYS A 240 16.55 15.12 22.62
N SER A 241 17.63 14.34 22.72
CA SER A 241 18.92 14.73 22.19
C SER A 241 19.19 14.12 20.82
N TYR A 242 19.92 14.87 19.98
CA TYR A 242 20.26 14.40 18.64
C TYR A 242 21.68 14.75 18.26
N GLU A 243 22.46 13.71 17.95
CA GLU A 243 23.86 13.90 17.59
C GLU A 243 24.04 14.22 16.11
N LEU A 244 24.60 15.40 15.84
CA LEU A 244 24.89 15.86 14.50
C LEU A 244 26.01 15.05 13.85
N PRO A 245 26.11 15.09 12.50
CA PRO A 245 27.17 14.33 11.83
C PRO A 245 28.54 14.80 12.29
N ASP A 246 28.61 16.10 12.63
CA ASP A 246 29.82 16.76 13.09
C ASP A 246 30.15 16.50 14.56
N GLY A 247 29.27 15.77 15.26
CA GLY A 247 29.50 15.42 16.65
C GLY A 247 28.77 16.28 17.66
N GLN A 248 28.35 17.49 17.25
CA GLN A 248 27.61 18.40 18.12
C GLN A 248 26.26 17.78 18.47
N VAL A 249 25.79 18.06 19.69
CA VAL A 249 24.51 17.56 20.16
C VAL A 249 23.52 18.73 20.27
N ILE A 250 22.31 18.51 19.80
CA ILE A 250 21.22 19.48 19.87
C ILE A 250 20.07 18.89 20.68
N THR A 251 19.20 19.75 21.22
CA THR A 251 18.05 19.32 22.01
C THR A 251 16.74 19.73 21.33
N ILE A 252 15.96 18.73 20.96
CA ILE A 252 14.70 18.92 20.25
C ILE A 252 13.51 18.86 21.22
N GLY A 253 12.60 19.81 21.09
CA GLY A 253 11.49 19.96 22.02
C GLY A 253 10.08 19.74 21.52
N ASN A 254 9.27 20.82 21.50
CA ASN A 254 7.87 20.71 21.11
C ASN A 254 7.70 20.56 19.62
N GLU A 255 8.82 20.60 18.91
CA GLU A 255 8.89 20.45 17.46
C GLU A 255 8.72 19.00 17.08
N ARG A 256 9.08 18.09 18.01
CA ARG A 256 8.93 16.66 17.80
C ARG A 256 7.48 16.37 17.40
N PHE A 257 6.52 17.01 18.07
CA PHE A 257 5.12 16.76 17.79
C PHE A 257 4.45 17.88 17.02
N ARG A 258 5.08 19.05 16.93
CA ARG A 258 4.51 20.16 16.17
C ARG A 258 4.64 19.91 14.68
N CYS A 259 5.71 19.25 14.25
CA CYS A 259 5.94 19.02 12.84
C CYS A 259 4.83 18.12 12.22
N PRO A 260 4.56 16.91 12.77
CA PRO A 260 3.48 16.09 12.19
C PRO A 260 2.08 16.58 12.54
N GLU A 261 1.97 17.55 13.44
CA GLU A 261 0.66 18.12 13.76
C GLU A 261 0.07 18.70 12.49
N THR A 262 0.93 19.18 11.59
CA THR A 262 0.58 19.76 10.31
C THR A 262 -0.32 18.85 9.50
N LEU A 263 -0.20 17.53 9.71
CA LEU A 263 -1.05 16.59 8.99
C LEU A 263 -2.50 16.76 9.42
N PHE A 264 -2.74 17.15 10.66
CA PHE A 264 -4.08 17.35 11.21
C PHE A 264 -4.54 18.80 11.08
N GLN A 265 -3.58 19.74 11.13
CA GLN A 265 -3.85 21.17 10.99
C GLN A 265 -2.97 21.77 9.92
N PRO A 266 -3.38 21.62 8.63
CA PRO A 266 -2.58 22.18 7.53
C PRO A 266 -2.41 23.70 7.60
N SER A 267 -3.23 24.36 8.43
CA SER A 267 -3.13 25.81 8.62
C SER A 267 -1.71 26.20 9.06
N PHE A 268 -1.00 25.29 9.74
CA PHE A 268 0.36 25.49 10.19
C PHE A 268 1.27 25.95 9.06
N ILE A 269 1.15 25.33 7.88
CA ILE A 269 1.98 25.69 6.73
C ILE A 269 1.29 26.66 5.77
N GLY A 270 0.16 27.19 6.20
CA GLY A 270 -0.62 28.11 5.38
C GLY A 270 -1.45 27.42 4.33
N MET A 271 -1.80 26.15 4.57
CA MET A 271 -2.67 25.40 3.66
C MET A 271 -4.12 25.54 4.14
N GLU A 272 -5.06 25.68 3.21
CA GLU A 272 -6.47 25.88 3.57
C GLU A 272 -7.26 24.57 3.75
N SER A 273 -6.71 23.46 3.22
CA SER A 273 -7.34 22.15 3.33
C SER A 273 -7.62 21.68 4.74
N ALA A 274 -8.52 20.68 4.86
CA ALA A 274 -8.87 20.01 6.09
C ALA A 274 -7.78 18.96 6.41
N GLY A 275 -7.62 18.62 7.68
CA GLY A 275 -6.66 17.63 8.10
C GLY A 275 -6.96 16.23 7.57
N ILE A 276 -6.07 15.27 7.84
CA ILE A 276 -6.21 13.90 7.35
C ILE A 276 -7.30 13.11 8.08
N HIS A 277 -7.69 13.54 9.27
CA HIS A 277 -8.79 12.88 9.97
C HIS A 277 -10.10 13.26 9.29
N GLU A 278 -10.24 14.55 8.94
CA GLU A 278 -11.41 15.06 8.25
C GLU A 278 -11.53 14.53 6.84
N THR A 279 -10.43 14.52 6.07
CA THR A 279 -10.49 14.01 4.72
C THR A 279 -10.86 12.52 4.78
N THR A 280 -10.49 11.82 5.87
CA THR A 280 -10.84 10.40 6.00
C THR A 280 -12.32 10.29 6.23
N TYR A 281 -12.84 11.03 7.22
CA TYR A 281 -14.25 11.01 7.54
C TYR A 281 -15.03 11.38 6.31
N ASN A 282 -14.57 12.43 5.59
CA ASN A 282 -15.21 12.92 4.38
C ASN A 282 -15.24 11.93 3.25
N SER A 283 -14.13 11.22 3.02
CA SER A 283 -14.10 10.21 1.97
C SER A 283 -15.12 9.11 2.31
N ILE A 284 -15.12 8.64 3.57
CA ILE A 284 -16.04 7.61 4.02
C ILE A 284 -17.49 8.04 3.81
N MET A 285 -17.82 9.28 4.16
CA MET A 285 -19.19 9.79 4.04
C MET A 285 -19.63 9.94 2.60
N LYS A 286 -18.68 9.89 1.65
CA LYS A 286 -19.00 10.00 0.25
C LYS A 286 -19.37 8.61 -0.31
N CYS A 287 -19.23 7.58 0.51
CA CYS A 287 -19.52 6.20 0.12
C CYS A 287 -20.90 5.79 0.51
N ASP A 288 -21.42 4.75 -0.16
CA ASP A 288 -22.73 4.20 0.16
C ASP A 288 -22.82 3.87 1.66
N ILE A 289 -23.83 4.41 2.31
CA ILE A 289 -24.12 4.18 3.75
C ILE A 289 -23.93 2.73 4.17
N ASP A 290 -24.29 1.78 3.31
CA ASP A 290 -24.24 0.37 3.63
C ASP A 290 -22.83 -0.19 3.72
N ILE A 291 -21.81 0.59 3.35
CA ILE A 291 -20.46 0.05 3.47
C ILE A 291 -19.63 0.82 4.50
N ARG A 292 -20.11 1.96 4.98
CA ARG A 292 -19.39 2.83 5.93
C ARG A 292 -18.82 2.08 7.13
N LYS A 293 -19.58 1.19 7.77
CA LYS A 293 -19.14 0.38 8.90
C LYS A 293 -17.88 -0.39 8.58
N ASP A 294 -17.87 -1.07 7.42
CA ASP A 294 -16.72 -1.83 6.96
C ASP A 294 -15.53 -0.89 6.76
N LEU A 295 -15.75 0.30 6.21
CA LEU A 295 -14.67 1.25 6.01
C LEU A 295 -14.07 1.65 7.36
N TYR A 296 -14.93 2.10 8.24
CA TYR A 296 -14.54 2.62 9.56
C TYR A 296 -13.76 1.59 10.37
N ALA A 297 -14.04 0.30 10.16
CA ALA A 297 -13.40 -0.77 10.92
C ALA A 297 -12.13 -1.28 10.23
N ASN A 298 -11.79 -0.69 9.06
CA ASN A 298 -10.64 -1.14 8.31
C ASN A 298 -9.87 0.04 7.73
N ASN A 299 -9.38 0.90 8.62
CA ASN A 299 -8.58 2.06 8.28
C ASN A 299 -7.13 1.64 8.21
N VAL A 300 -6.60 1.46 7.00
CA VAL A 300 -5.22 1.00 6.85
C VAL A 300 -4.30 2.14 6.57
N MET A 301 -3.26 2.28 7.36
CA MET A 301 -2.26 3.34 7.13
C MET A 301 -1.14 2.79 6.25
N SER A 302 -0.72 3.55 5.27
CA SER A 302 0.30 3.12 4.32
C SER A 302 1.28 4.29 3.97
N GLY A 303 2.54 3.96 3.76
CA GLY A 303 3.54 4.95 3.39
C GLY A 303 4.38 5.52 4.49
N GLY A 304 5.51 6.13 4.10
CA GLY A 304 6.51 6.72 4.99
C GLY A 304 5.99 7.77 5.95
N THR A 305 5.15 8.70 5.48
CA THR A 305 4.64 9.79 6.32
C THR A 305 3.58 9.30 7.33
N THR A 306 3.23 8.04 7.30
CA THR A 306 2.35 7.48 8.31
C THR A 306 3.17 6.76 9.40
N MET A 307 4.51 6.91 9.40
CA MET A 307 5.36 6.17 10.34
C MET A 307 5.52 6.80 11.71
N TYR A 308 5.07 8.06 11.87
CA TYR A 308 5.20 8.72 13.17
C TYR A 308 4.56 7.91 14.28
N PRO A 309 5.31 7.69 15.37
CA PRO A 309 4.70 7.04 16.54
C PRO A 309 3.52 7.91 17.04
N GLY A 310 2.47 7.26 17.51
CA GLY A 310 1.30 7.98 17.97
C GLY A 310 0.29 8.31 16.88
N ILE A 311 0.65 8.14 15.59
CA ILE A 311 -0.25 8.48 14.47
C ILE A 311 -1.53 7.65 14.47
N ALA A 312 -1.42 6.35 14.77
CA ALA A 312 -2.56 5.46 14.78
C ALA A 312 -3.51 5.76 15.94
N ASP A 313 -2.98 6.17 17.11
CA ASP A 313 -3.83 6.48 18.24
C ASP A 313 -4.57 7.80 18.05
N ARG A 314 -3.90 8.80 17.44
CA ARG A 314 -4.52 10.11 17.21
C ARG A 314 -5.65 10.04 16.22
N MET A 315 -5.42 9.28 15.16
CA MET A 315 -6.43 9.08 14.14
C MET A 315 -7.58 8.29 14.72
N GLN A 316 -7.27 7.31 15.59
CA GLN A 316 -8.28 6.50 16.26
C GLN A 316 -9.13 7.44 17.06
N LYS A 317 -8.51 8.36 17.80
CA LYS A 317 -9.19 9.36 18.60
C LYS A 317 -9.94 10.33 17.71
N GLU A 318 -9.29 10.86 16.70
CA GLU A 318 -9.86 11.86 15.82
C GLU A 318 -11.07 11.41 15.06
N ILE A 319 -11.09 10.16 14.60
CA ILE A 319 -12.24 9.68 13.83
C ILE A 319 -13.35 9.19 14.71
N THR A 320 -13.07 8.64 15.93
CA THR A 320 -14.21 8.26 16.80
C THR A 320 -14.99 9.49 17.20
N ALA A 321 -14.30 10.64 17.32
CA ALA A 321 -14.97 11.90 17.66
C ALA A 321 -15.88 12.35 16.53
N LEU A 322 -15.45 12.13 15.28
CA LEU A 322 -16.22 12.56 14.11
C LEU A 322 -17.39 11.64 13.77
N ALA A 323 -17.20 10.34 13.95
CA ALA A 323 -18.18 9.32 13.61
C ALA A 323 -19.23 9.03 14.68
N PRO A 324 -20.38 8.44 14.28
CA PRO A 324 -21.41 8.06 15.27
C PRO A 324 -20.81 7.22 16.41
N SER A 325 -21.20 7.51 17.64
CA SER A 325 -20.65 6.87 18.84
C SER A 325 -20.67 5.33 18.83
N THR A 326 -21.54 4.74 18.00
CA THR A 326 -21.71 3.27 17.93
C THR A 326 -20.96 2.62 16.79
N MET A 327 -20.04 3.39 16.19
CA MET A 327 -19.22 2.89 15.12
C MET A 327 -17.99 2.21 15.66
N LYS A 328 -17.78 0.96 15.28
CA LYS A 328 -16.56 0.25 15.68
C LYS A 328 -15.46 0.78 14.76
N ILE A 329 -14.47 1.39 15.35
CA ILE A 329 -13.38 2.02 14.61
C ILE A 329 -12.06 1.30 14.85
N LYS A 330 -11.27 1.15 13.80
CA LYS A 330 -10.02 0.45 13.90
C LYS A 330 -8.99 1.00 12.93
N ILE A 331 -7.82 1.35 13.47
CA ILE A 331 -6.72 1.82 12.64
C ILE A 331 -5.70 0.72 12.58
N ILE A 332 -5.26 0.38 11.39
CA ILE A 332 -4.27 -0.66 11.15
C ILE A 332 -3.04 0.02 10.59
N ALA A 333 -1.95 -0.01 11.35
CA ALA A 333 -0.72 0.68 11.01
C ALA A 333 0.39 -0.33 11.16
N PRO A 334 0.57 -1.18 10.12
CA PRO A 334 1.58 -2.25 10.17
C PRO A 334 3.00 -1.69 10.25
N PRO A 335 3.88 -2.33 11.04
CA PRO A 335 5.27 -1.80 11.17
C PRO A 335 5.99 -1.66 9.84
N GLU A 336 5.63 -2.50 8.87
CA GLU A 336 6.28 -2.48 7.56
C GLU A 336 5.58 -1.61 6.51
N ARG A 337 4.70 -0.75 6.95
CA ARG A 337 3.87 0.07 6.05
C ARG A 337 4.62 1.06 5.15
N LYS A 338 5.93 1.23 5.33
CA LYS A 338 6.67 2.06 4.38
C LYS A 338 6.81 1.24 3.05
N TYR A 339 6.60 -0.09 3.12
CA TYR A 339 6.74 -1.00 2.00
C TYR A 339 5.49 -1.79 1.66
N SER A 340 4.35 -1.45 2.25
CA SER A 340 3.08 -2.13 2.06
C SER A 340 2.66 -2.23 0.60
N VAL A 341 2.81 -1.10 -0.15
CA VAL A 341 2.49 -1.09 -1.55
C VAL A 341 3.35 -2.10 -2.27
N TRP A 342 4.68 -2.01 -2.10
CA TRP A 342 5.58 -2.95 -2.75
C TRP A 342 5.21 -4.38 -2.38
N ILE A 343 4.95 -4.65 -1.09
CA ILE A 343 4.66 -6.02 -0.65
C ILE A 343 3.40 -6.55 -1.27
N GLY A 344 2.39 -5.69 -1.39
CA GLY A 344 1.12 -6.04 -2.03
C GLY A 344 1.34 -6.47 -3.46
N GLY A 345 2.25 -5.75 -4.16
CA GLY A 345 2.61 -6.05 -5.54
C GLY A 345 3.32 -7.39 -5.68
N SER A 346 4.25 -7.66 -4.72
CA SER A 346 5.03 -8.86 -4.72
C SER A 346 4.12 -10.06 -4.52
N ILE A 347 3.07 -9.93 -3.73
CA ILE A 347 2.16 -11.03 -3.50
C ILE A 347 1.30 -11.22 -4.74
N LEU A 348 0.71 -10.13 -5.24
CA LEU A 348 -0.15 -10.17 -6.41
C LEU A 348 0.58 -10.82 -7.58
N ALA A 349 1.75 -10.29 -7.94
CA ALA A 349 2.48 -10.85 -9.08
C ALA A 349 2.94 -12.29 -8.89
N SER A 350 2.95 -12.81 -7.66
CA SER A 350 3.41 -14.17 -7.38
C SER A 350 2.31 -15.24 -7.50
N LEU A 351 1.04 -14.83 -7.46
CA LEU A 351 -0.11 -15.74 -7.42
C LEU A 351 -0.22 -16.60 -8.66
N SER A 352 -0.64 -17.84 -8.47
CA SER A 352 -0.84 -18.79 -9.54
C SER A 352 -1.89 -18.26 -10.52
N THR A 353 -2.89 -17.55 -10.01
CA THR A 353 -4.00 -17.03 -10.81
C THR A 353 -3.68 -15.73 -11.52
N PHE A 354 -2.53 -15.15 -11.29
CA PHE A 354 -2.19 -13.87 -11.88
C PHE A 354 -1.54 -13.97 -13.25
N GLN A 355 -1.14 -15.15 -13.64
CA GLN A 355 -0.42 -15.36 -14.90
C GLN A 355 -1.23 -14.95 -16.14
N GLN A 356 -2.52 -15.11 -16.17
CA GLN A 356 -3.34 -14.64 -17.29
C GLN A 356 -3.71 -13.15 -17.17
N MET A 357 -3.36 -12.49 -16.05
CA MET A 357 -3.70 -11.09 -15.83
C MET A 357 -2.76 -10.16 -16.54
N TRP A 358 -1.50 -10.54 -16.68
CA TRP A 358 -0.50 -9.71 -17.33
C TRP A 358 -0.95 -9.31 -18.71
N ILE A 359 -0.50 -8.14 -19.13
CA ILE A 359 -0.62 -7.70 -20.50
C ILE A 359 0.61 -8.27 -21.22
N THR A 360 0.42 -9.09 -22.25
CA THR A 360 1.54 -9.64 -23.02
C THR A 360 1.99 -8.66 -24.06
N LYS A 361 3.25 -8.82 -24.51
CA LYS A 361 3.79 -8.07 -25.66
C LYS A 361 2.90 -8.32 -26.86
N GLN A 362 2.42 -9.56 -27.02
CA GLN A 362 1.52 -9.94 -28.10
C GLN A 362 0.26 -9.08 -28.04
N GLU A 363 -0.40 -9.00 -26.86
CA GLU A 363 -1.60 -8.17 -26.70
C GLU A 363 -1.32 -6.70 -26.98
N TYR A 364 -0.18 -6.20 -26.55
CA TYR A 364 0.20 -4.81 -26.80
C TYR A 364 0.36 -4.52 -28.31
N ASP A 365 1.06 -5.39 -29.04
CA ASP A 365 1.27 -5.22 -30.47
C ASP A 365 -0.06 -5.22 -31.24
N GLU A 366 -0.98 -6.06 -30.78
CA GLU A 366 -2.28 -6.19 -31.41
C GLU A 366 -3.16 -4.98 -31.08
N ALA A 367 -3.23 -4.56 -29.80
CA ALA A 367 -4.15 -3.51 -29.35
C ALA A 367 -3.54 -2.12 -29.14
N GLY A 368 -2.28 -2.06 -28.77
CA GLY A 368 -1.64 -0.79 -28.49
C GLY A 368 -1.75 -0.41 -27.01
N PRO A 369 -1.33 0.82 -26.68
CA PRO A 369 -1.32 1.25 -25.26
C PRO A 369 -2.69 1.30 -24.57
N SER A 370 -3.76 1.45 -25.37
CA SER A 370 -5.15 1.50 -24.90
C SER A 370 -5.55 0.21 -24.15
N ILE A 371 -4.80 -0.89 -24.38
CA ILE A 371 -5.02 -2.17 -23.73
C ILE A 371 -5.05 -2.02 -22.23
N VAL A 372 -4.25 -1.09 -21.71
CA VAL A 372 -4.13 -0.91 -20.25
C VAL A 372 -5.48 -0.61 -19.58
N HIS A 373 -6.37 0.10 -20.26
CA HIS A 373 -7.66 0.46 -19.68
C HIS A 373 -8.62 -0.74 -19.51
N ARG A 374 -8.40 -1.78 -20.29
CA ARG A 374 -9.25 -2.94 -20.26
C ARG A 374 -8.64 -4.09 -19.45
N LYS A 375 -7.33 -4.06 -19.26
CA LYS A 375 -6.63 -5.12 -18.54
C LYS A 375 -6.33 -4.76 -17.11
N CYS A 376 -6.16 -3.46 -16.80
CA CYS A 376 -5.84 -2.99 -15.43
C CYS A 376 -6.86 -1.98 -14.90
N PHE A 377 -7.76 -2.37 -13.98
CA PHE A 377 -8.77 -1.44 -13.45
C PHE A 377 -9.28 -1.86 -12.04
N VAL B 3 -9.37 -15.95 -15.75
CA VAL B 3 -8.72 -17.06 -15.07
C VAL B 3 -9.12 -18.46 -15.64
N GLU B 4 -8.10 -19.28 -15.93
CA GLU B 4 -8.27 -20.64 -16.41
C GLU B 4 -7.79 -21.67 -15.34
N HIS B 5 -7.51 -21.19 -14.08
CA HIS B 5 -7.11 -22.03 -12.94
C HIS B 5 -8.17 -23.12 -12.74
N PRO B 6 -7.72 -24.37 -12.62
CA PRO B 6 -8.67 -25.51 -12.55
C PRO B 6 -9.62 -25.46 -11.39
N GLU B 7 -9.20 -24.83 -10.31
CA GLU B 7 -10.04 -24.67 -9.11
C GLU B 7 -11.10 -23.62 -9.36
N PHE B 8 -10.78 -22.67 -10.22
CA PHE B 8 -11.74 -21.65 -10.62
C PHE B 8 -12.83 -22.29 -11.43
N LEU B 9 -12.45 -23.22 -12.32
CA LEU B 9 -13.41 -23.95 -13.15
C LEU B 9 -14.35 -24.80 -12.30
N LYS B 10 -13.88 -25.26 -11.13
CA LYS B 10 -14.67 -26.08 -10.22
C LYS B 10 -15.55 -25.29 -9.23
N ALA B 11 -15.21 -24.02 -8.95
CA ALA B 11 -15.92 -23.19 -7.97
C ALA B 11 -17.36 -22.87 -8.35
N GLY B 12 -18.27 -22.95 -7.39
CA GLY B 12 -19.67 -22.56 -7.52
C GLY B 12 -20.45 -23.23 -8.63
N LYS B 13 -20.07 -24.46 -9.01
CA LYS B 13 -20.78 -25.17 -10.09
C LYS B 13 -22.07 -25.80 -9.57
N GLU B 14 -22.16 -26.04 -8.26
CA GLU B 14 -23.33 -26.63 -7.64
C GLU B 14 -23.43 -26.31 -6.14
N PRO B 15 -24.65 -26.44 -5.57
CA PRO B 15 -24.80 -26.16 -4.15
C PRO B 15 -23.85 -26.97 -3.27
N GLY B 16 -23.38 -26.34 -2.20
CA GLY B 16 -22.46 -26.99 -1.28
C GLY B 16 -21.42 -26.04 -0.73
N LEU B 17 -20.41 -26.64 -0.12
CA LEU B 17 -19.33 -25.93 0.50
C LEU B 17 -17.99 -26.36 -0.12
N GLN B 18 -17.23 -25.36 -0.57
CA GLN B 18 -15.90 -25.62 -1.12
C GLN B 18 -14.87 -24.89 -0.30
N ILE B 19 -13.80 -25.58 0.04
CA ILE B 19 -12.73 -25.02 0.88
C ILE B 19 -11.39 -25.29 0.26
N TRP B 20 -10.65 -24.23 0.16
CA TRP B 20 -9.31 -24.22 -0.40
C TRP B 20 -8.37 -23.64 0.63
N ARG B 21 -7.16 -24.10 0.62
CA ARG B 21 -6.15 -23.52 1.48
C ARG B 21 -5.12 -22.81 0.63
N VAL B 22 -4.62 -21.69 1.12
CA VAL B 22 -3.54 -20.98 0.41
C VAL B 22 -2.23 -21.71 0.68
N GLU B 23 -1.57 -22.13 -0.38
CA GLU B 23 -0.32 -22.87 -0.23
C GLU B 23 0.73 -22.31 -1.18
N LYS B 24 1.62 -21.54 -0.62
CA LYS B 24 2.73 -20.92 -1.36
C LYS B 24 2.27 -20.27 -2.65
N PHE B 25 1.32 -19.33 -2.49
CA PHE B 25 0.79 -18.51 -3.57
C PHE B 25 -0.14 -19.26 -4.53
N ASP B 26 -0.69 -20.38 -4.12
CA ASP B 26 -1.62 -21.14 -4.95
C ASP B 26 -2.88 -21.43 -4.15
N LEU B 27 -3.96 -21.73 -4.84
CA LEU B 27 -5.24 -22.09 -4.26
C LEU B 27 -5.33 -23.62 -4.31
N VAL B 28 -5.16 -24.28 -3.18
CA VAL B 28 -5.16 -25.75 -3.12
C VAL B 28 -6.36 -26.29 -2.39
N PRO B 29 -7.11 -27.19 -3.04
CA PRO B 29 -8.30 -27.77 -2.40
C PRO B 29 -7.99 -28.54 -1.12
N VAL B 30 -8.89 -28.40 -0.17
CA VAL B 30 -8.77 -29.09 1.10
C VAL B 30 -9.51 -30.42 0.97
N PRO B 31 -8.90 -31.55 1.39
CA PRO B 31 -9.63 -32.83 1.39
C PRO B 31 -10.96 -32.68 2.16
N THR B 32 -12.07 -33.03 1.51
CA THR B 32 -13.42 -32.89 2.08
C THR B 32 -13.55 -33.54 3.48
N ASN B 33 -12.70 -34.53 3.77
CA ASN B 33 -12.68 -35.20 5.07
C ASN B 33 -12.10 -34.29 6.17
N LEU B 34 -11.31 -33.28 5.76
CA LEU B 34 -10.65 -32.35 6.66
C LEU B 34 -11.38 -31.04 6.89
N TYR B 35 -12.54 -30.85 6.25
CA TYR B 35 -13.29 -29.61 6.44
C TYR B 35 -13.62 -29.36 7.90
N GLY B 36 -13.39 -28.13 8.32
CA GLY B 36 -13.65 -27.71 9.70
C GLY B 36 -12.42 -27.68 10.54
N ASP B 37 -11.36 -28.39 10.14
CA ASP B 37 -10.09 -28.45 10.84
C ASP B 37 -9.17 -27.43 10.24
N PHE B 38 -9.06 -26.26 10.89
CA PHE B 38 -8.25 -25.16 10.39
C PHE B 38 -6.91 -25.01 11.10
N PHE B 39 -5.82 -24.97 10.32
CA PHE B 39 -4.48 -24.68 10.78
C PHE B 39 -4.39 -23.18 11.13
N THR B 40 -4.05 -22.85 12.37
CA THR B 40 -4.03 -21.43 12.77
C THR B 40 -2.83 -20.68 12.17
N GLY B 41 -1.93 -21.41 11.53
CA GLY B 41 -0.78 -20.82 10.85
C GLY B 41 -1.06 -20.60 9.39
N ASP B 42 -2.28 -20.86 8.92
CA ASP B 42 -2.62 -20.75 7.51
C ASP B 42 -3.82 -19.86 7.21
N ALA B 43 -4.06 -19.62 5.91
CA ALA B 43 -5.20 -18.85 5.46
C ALA B 43 -6.00 -19.65 4.47
N TYR B 44 -7.31 -19.51 4.51
CA TYR B 44 -8.19 -20.31 3.68
C TYR B 44 -9.22 -19.47 2.99
N VAL B 45 -9.74 -20.00 1.90
CA VAL B 45 -10.81 -19.40 1.09
C VAL B 45 -11.93 -20.41 1.06
N ILE B 46 -13.09 -20.00 1.56
CA ILE B 46 -14.29 -20.83 1.62
C ILE B 46 -15.37 -20.26 0.70
N LEU B 47 -15.98 -21.11 -0.11
CA LEU B 47 -17.06 -20.69 -0.96
C LEU B 47 -18.28 -21.48 -0.58
N LYS B 48 -19.35 -20.78 -0.17
CA LYS B 48 -20.63 -21.39 0.11
C LYS B 48 -21.61 -21.10 -1.02
N THR B 49 -22.12 -22.16 -1.68
CA THR B 49 -23.06 -22.05 -2.80
C THR B 49 -24.42 -22.57 -2.39
N VAL B 50 -25.42 -21.69 -2.42
CA VAL B 50 -26.79 -22.04 -2.04
C VAL B 50 -27.70 -21.96 -3.25
N GLN B 51 -28.62 -22.91 -3.36
CA GLN B 51 -29.60 -22.94 -4.42
C GLN B 51 -30.74 -21.98 -4.10
N LEU B 52 -30.99 -21.09 -5.05
CA LEU B 52 -32.08 -20.13 -5.01
C LEU B 52 -33.28 -20.76 -5.74
N ARG B 53 -34.52 -20.37 -5.36
CA ARG B 53 -35.70 -20.94 -6.02
C ARG B 53 -35.86 -20.41 -7.44
N ASN B 54 -35.25 -19.26 -7.73
CA ASN B 54 -35.24 -18.69 -9.07
C ASN B 54 -34.35 -19.50 -10.06
N GLY B 55 -33.77 -20.60 -9.57
CA GLY B 55 -32.90 -21.50 -10.31
C GLY B 55 -31.42 -21.13 -10.16
N ASN B 56 -31.18 -19.86 -9.85
CA ASN B 56 -29.84 -19.33 -9.73
C ASN B 56 -29.14 -19.67 -8.44
N LEU B 57 -27.83 -19.51 -8.46
CA LEU B 57 -26.98 -19.82 -7.34
C LEU B 57 -26.51 -18.58 -6.60
N GLN B 58 -26.65 -18.62 -5.28
CA GLN B 58 -26.18 -17.55 -4.40
C GLN B 58 -24.77 -17.92 -3.84
N TYR B 59 -23.91 -16.92 -3.73
CA TYR B 59 -22.56 -17.09 -3.35
C TYR B 59 -22.06 -16.27 -2.16
N ASP B 60 -21.39 -16.93 -1.22
CA ASP B 60 -20.77 -16.24 -0.08
C ASP B 60 -19.34 -16.70 0.02
N LEU B 61 -18.41 -15.77 -0.19
CA LEU B 61 -16.97 -16.01 -0.12
C LEU B 61 -16.42 -15.52 1.22
N HIS B 62 -15.71 -16.41 1.91
CA HIS B 62 -15.11 -16.05 3.17
C HIS B 62 -13.65 -16.39 3.12
N TYR B 63 -12.79 -15.44 3.45
CA TYR B 63 -11.38 -15.75 3.58
C TYR B 63 -11.04 -15.75 5.07
N TRP B 64 -10.58 -16.90 5.56
CA TRP B 64 -10.30 -17.12 6.97
C TRP B 64 -8.79 -17.02 7.26
N LEU B 65 -8.42 -16.16 8.19
CA LEU B 65 -7.04 -15.95 8.53
C LEU B 65 -6.66 -16.45 9.92
N GLY B 66 -5.77 -17.44 9.97
CA GLY B 66 -5.27 -17.95 11.24
C GLY B 66 -4.37 -16.92 11.95
N ASN B 67 -4.31 -16.99 13.29
CA ASN B 67 -3.56 -16.05 14.13
C ASN B 67 -2.12 -15.97 13.76
N GLU B 68 -1.55 -17.09 13.27
CA GLU B 68 -0.12 -17.20 12.92
C GLU B 68 0.14 -17.28 11.42
N CYS B 69 -0.83 -16.97 10.57
CA CYS B 69 -0.57 -17.05 9.15
C CYS B 69 0.35 -15.91 8.66
N SER B 70 1.18 -16.21 7.69
CA SER B 70 2.12 -15.19 7.23
C SER B 70 1.42 -14.21 6.28
N GLN B 71 1.99 -13.03 6.15
CA GLN B 71 1.45 -11.95 5.34
C GLN B 71 1.17 -12.36 3.89
N ASP B 72 1.96 -13.25 3.32
CA ASP B 72 1.76 -13.65 1.92
C ASP B 72 0.52 -14.50 1.81
N GLU B 73 0.22 -15.25 2.87
CA GLU B 73 -0.97 -16.12 2.89
C GLU B 73 -2.23 -15.27 3.11
N SER B 74 -2.22 -14.32 4.03
CA SER B 74 -3.38 -13.47 4.25
C SER B 74 -3.63 -12.56 3.08
N GLY B 75 -2.56 -12.04 2.48
CA GLY B 75 -2.68 -11.22 1.28
C GLY B 75 -3.24 -12.02 0.09
N ALA B 76 -2.77 -13.25 -0.11
CA ALA B 76 -3.23 -14.09 -1.22
C ALA B 76 -4.66 -14.52 -1.07
N ALA B 77 -5.09 -14.86 0.12
CA ALA B 77 -6.48 -15.27 0.39
C ALA B 77 -7.42 -14.13 0.03
N ALA B 78 -7.03 -12.90 0.31
CA ALA B 78 -7.83 -11.71 0.01
C ALA B 78 -7.94 -11.50 -1.50
N ILE B 79 -6.83 -11.62 -2.23
CA ILE B 79 -6.80 -11.46 -3.68
C ILE B 79 -7.58 -12.58 -4.35
N PHE B 80 -7.31 -13.84 -3.96
CA PHE B 80 -8.06 -15.00 -4.51
C PHE B 80 -9.54 -14.78 -4.36
N THR B 81 -9.98 -14.14 -3.23
CA THR B 81 -11.39 -13.86 -2.95
C THR B 81 -11.94 -12.92 -3.99
N VAL B 82 -11.24 -11.78 -4.20
CA VAL B 82 -11.62 -10.81 -5.23
C VAL B 82 -11.70 -11.47 -6.58
N GLN B 83 -10.71 -12.28 -6.92
CA GLN B 83 -10.68 -12.97 -8.22
C GLN B 83 -11.81 -13.97 -8.39
N LEU B 84 -12.15 -14.76 -7.34
CA LEU B 84 -13.23 -15.71 -7.38
C LEU B 84 -14.55 -14.97 -7.53
N ASP B 85 -14.71 -13.82 -6.88
CA ASP B 85 -15.92 -13.01 -6.98
C ASP B 85 -16.13 -12.49 -8.42
N ASP B 86 -15.09 -11.84 -8.97
CA ASP B 86 -15.13 -11.38 -10.34
C ASP B 86 -15.46 -12.52 -11.32
N TYR B 87 -14.83 -13.70 -11.12
CA TYR B 87 -15.05 -14.85 -11.98
C TYR B 87 -16.52 -15.26 -11.91
N LEU B 88 -17.17 -15.03 -10.77
CA LEU B 88 -18.57 -15.35 -10.50
C LEU B 88 -19.42 -14.14 -10.79
N ASN B 89 -18.94 -13.29 -11.71
CA ASN B 89 -19.63 -12.08 -12.18
C ASN B 89 -19.98 -11.15 -11.04
N GLY B 90 -19.09 -11.07 -10.06
CA GLY B 90 -19.24 -10.19 -8.89
C GLY B 90 -20.43 -10.56 -7.99
N ARG B 91 -21.03 -11.72 -8.22
CA ARG B 91 -22.22 -12.06 -7.50
C ARG B 91 -21.96 -12.46 -6.05
N ALA B 92 -20.73 -12.81 -5.71
CA ALA B 92 -20.41 -13.19 -4.34
C ALA B 92 -20.35 -12.02 -3.38
N VAL B 93 -20.74 -12.24 -2.12
CA VAL B 93 -20.59 -11.28 -1.04
C VAL B 93 -19.37 -11.74 -0.29
N GLN B 94 -18.40 -10.87 -0.10
CA GLN B 94 -17.12 -11.17 0.55
C GLN B 94 -17.11 -10.93 2.03
N HIS B 95 -16.49 -11.86 2.76
CA HIS B 95 -16.43 -11.74 4.21
C HIS B 95 -15.05 -12.08 4.70
N ARG B 96 -14.50 -11.20 5.56
CA ARG B 96 -13.22 -11.42 6.19
C ARG B 96 -13.46 -12.15 7.51
N GLU B 97 -12.86 -13.32 7.65
CA GLU B 97 -13.00 -14.08 8.89
C GLU B 97 -11.69 -14.22 9.63
N VAL B 98 -11.62 -13.65 10.82
CA VAL B 98 -10.40 -13.75 11.63
C VAL B 98 -10.63 -14.75 12.72
N GLN B 99 -9.61 -15.57 12.98
CA GLN B 99 -9.62 -16.55 14.08
C GLN B 99 -10.12 -15.91 15.39
N GLY B 100 -11.08 -16.55 16.03
CA GLY B 100 -11.68 -16.05 17.26
C GLY B 100 -12.69 -14.93 17.06
N PHE B 101 -12.97 -14.54 15.83
CA PHE B 101 -13.92 -13.47 15.57
C PHE B 101 -14.75 -13.79 14.36
N GLU B 102 -14.95 -15.08 14.12
CA GLU B 102 -15.73 -15.51 12.99
C GLU B 102 -17.20 -15.13 13.14
N SER B 103 -17.87 -14.89 12.02
CA SER B 103 -19.25 -14.54 12.04
C SER B 103 -20.11 -15.79 12.27
N ALA B 104 -21.33 -15.57 12.79
CA ALA B 104 -22.28 -16.64 13.09
C ALA B 104 -22.62 -17.44 11.84
N THR B 105 -22.72 -16.77 10.69
CA THR B 105 -22.99 -17.42 9.38
C THR B 105 -21.92 -18.45 9.05
N PHE B 106 -20.66 -18.00 9.01
CA PHE B 106 -19.53 -18.86 8.74
C PHE B 106 -19.42 -20.02 9.73
N LEU B 107 -19.56 -19.73 11.03
CA LEU B 107 -19.53 -20.77 12.03
C LEU B 107 -20.61 -21.81 11.78
N GLY B 108 -21.73 -21.39 11.19
CA GLY B 108 -22.87 -22.25 10.86
C GLY B 108 -22.61 -23.21 9.74
N TYR B 109 -21.58 -22.96 8.90
CA TYR B 109 -21.30 -23.90 7.79
C TYR B 109 -20.86 -25.24 8.33
N PHE B 110 -20.29 -25.25 9.52
CA PHE B 110 -19.71 -26.44 10.12
C PHE B 110 -20.62 -27.05 11.19
N LYS B 111 -21.34 -28.07 10.78
CA LYS B 111 -22.35 -28.74 11.59
C LYS B 111 -21.79 -29.44 12.81
N SER B 112 -20.53 -29.89 12.78
CA SER B 112 -20.00 -30.51 13.99
C SER B 112 -19.04 -29.54 14.75
N GLY B 113 -19.13 -28.26 14.41
CA GLY B 113 -18.33 -27.19 14.98
C GLY B 113 -16.94 -27.15 14.40
N LEU B 114 -16.49 -25.97 14.04
CA LEU B 114 -15.17 -25.68 13.48
C LEU B 114 -14.10 -25.92 14.58
N LYS B 115 -12.92 -26.35 14.17
CA LYS B 115 -11.84 -26.64 15.10
C LYS B 115 -10.54 -25.98 14.69
N TYR B 116 -9.79 -25.51 15.67
CA TYR B 116 -8.47 -24.91 15.45
C TYR B 116 -7.38 -25.92 15.77
N LYS B 117 -6.31 -25.93 14.98
CA LYS B 117 -5.13 -26.78 15.21
C LYS B 117 -3.87 -26.01 14.85
N LYS B 118 -2.86 -26.11 15.70
CA LYS B 118 -1.60 -25.40 15.54
C LYS B 118 -0.81 -25.93 14.35
N GLY B 119 -0.10 -25.04 13.68
CA GLY B 119 0.75 -25.37 12.54
C GLY B 119 0.28 -24.86 11.20
N GLY B 120 0.82 -25.46 10.14
CA GLY B 120 0.42 -25.08 8.80
C GLY B 120 1.51 -25.23 7.78
N VAL B 121 1.20 -24.88 6.53
CA VAL B 121 2.18 -24.90 5.44
C VAL B 121 3.11 -23.67 5.57
N ALA B 122 4.38 -23.83 5.24
CA ALA B 122 5.33 -22.72 5.34
C ALA B 122 5.06 -21.60 4.37
N SER B 123 5.54 -20.41 4.75
CA SER B 123 5.40 -19.24 3.90
C SER B 123 5.97 -19.45 2.48
N GLY B 124 5.47 -18.66 1.55
CA GLY B 124 5.88 -18.65 0.15
C GLY B 124 6.92 -17.58 -0.11
N PHE B 125 7.10 -16.64 0.81
CA PHE B 125 8.09 -15.58 0.64
C PHE B 125 9.49 -16.09 0.69
N LYS B 126 10.39 -15.31 0.11
CA LYS B 126 11.83 -15.51 0.16
C LYS B 126 12.34 -14.34 1.03
N HIS B 127 12.99 -14.65 2.18
CA HIS B 127 13.54 -13.65 3.10
C HIS B 127 15.06 -13.72 3.15
CA CA C . 4.03 6.14 -2.76
PG ATP D . 4.42 9.54 -2.64
O1G ATP D . 3.53 8.45 -2.18
O2G ATP D . 4.04 10.86 -2.07
O3G ATP D . 4.43 9.65 -4.22
PB ATP D . 6.82 8.03 -1.93
O1B ATP D . 6.20 6.83 -2.55
O2B ATP D . 8.21 8.41 -2.44
O3B ATP D . 5.90 9.30 -2.18
PA ATP D . 7.22 6.86 0.74
O1A ATP D . 6.00 6.11 1.16
O2A ATP D . 8.31 5.92 0.15
O3A ATP D . 6.88 7.97 -0.35
O5' ATP D . 7.84 7.68 1.94
C5' ATP D . 8.97 8.56 1.86
C4' ATP D . 8.67 9.70 2.80
O4' ATP D . 8.39 9.17 4.12
C3' ATP D . 9.79 10.73 2.99
O3' ATP D . 9.19 12.01 3.19
C2' ATP D . 10.46 10.28 4.27
O2' ATP D . 11.09 11.36 4.92
C1' ATP D . 9.25 9.79 5.07
N9 ATP D . 9.52 8.85 6.16
C8 ATP D . 10.19 7.65 6.09
N7 ATP D . 10.32 7.05 7.24
C5 ATP D . 9.71 7.92 8.14
C6 ATP D . 9.56 7.89 9.55
N6 ATP D . 10.10 6.94 10.34
N1 ATP D . 8.88 8.91 10.13
C2 ATP D . 8.40 9.89 9.35
N3 ATP D . 8.51 10.04 8.03
C4 ATP D . 9.20 9.02 7.47
C1 MPD E . -7.65 -8.11 -10.66
C2 MPD E . -7.05 -8.09 -9.24
O2 MPD E . -8.14 -7.86 -8.33
CM MPD E . -6.51 -9.46 -8.90
C3 MPD E . -5.89 -7.05 -8.98
C4 MPD E . -6.22 -5.51 -9.19
O4 MPD E . -7.45 -5.10 -8.53
C5 MPD E . -5.07 -4.60 -8.79
CA CA F . -19.20 -9.35 -5.13
CA CA G . 1.35 -20.91 6.92
#